data_8W5O
#
_entry.id   8W5O
#
_cell.length_a   1.00
_cell.length_b   1.00
_cell.length_c   1.00
_cell.angle_alpha   90.00
_cell.angle_beta   90.00
_cell.angle_gamma   90.00
#
_symmetry.space_group_name_H-M   'P 1'
#
loop_
_entity.id
_entity.type
_entity.pdbx_description
1 polymer 'Heavy chain of Ab31'
2 polymer 'Light chain of Ab31'
3 polymer 'Minor capsid protein A1'
#
loop_
_entity_poly.entity_id
_entity_poly.type
_entity_poly.pdbx_seq_one_letter_code
_entity_poly.pdbx_strand_id
1 'polypeptide(L)'
;VHSEVQLVESGGDLVRPGGSLKLSCAASGFTFSNYGMSWVRQTPDKRLEWVATITSGGSYTYHPDSLKGRITISRDNAKN
TLYLQMSSLKSEDTAMFYCTRRGYYSGSTYVDYAMDYWGQGTSVTVSSA
;
H
2 'polypeptide(L)'
;VHSDIVITQTPAILSVSPGERVSFSCRASQGIGTSIHWYQQRTNGSPRLLIKYASESLSGTPARFSGSGSGTDFTLSINS
VESEDVGDYYCQQSYRWPPTFGAGTKLELK
;
L
3 'polypeptide(L)'
;MAKLETVTLGNIGKDGKQTLVLNPRGVNPTNGVASLSQAGAVPALEKRVTVSVSQPSRNRKNYKVQVKIQNPTACTANGS
CDPSVTRQAYADVTFSFTQYSTDEERAFVRTELAALLASPLLIDAIDQLNPAY
;
b,B,A
#
# COMPACT_ATOMS: atom_id res chain seq x y z
N VAL A 5 -14.95 20.28 1.43
CA VAL A 5 -13.73 19.71 0.86
C VAL A 5 -13.45 20.29 -0.52
N GLN A 6 -12.32 20.96 -0.67
CA GLN A 6 -12.05 21.68 -1.91
C GLN A 6 -10.90 21.06 -2.67
N LEU A 7 -11.05 21.00 -4.00
CA LEU A 7 -10.08 20.39 -4.90
C LEU A 7 -9.85 21.31 -6.10
N VAL A 8 -9.60 22.58 -5.83
CA VAL A 8 -9.58 23.60 -6.87
C VAL A 8 -8.26 23.55 -7.64
N GLU A 9 -8.36 23.66 -8.97
CA GLU A 9 -7.18 23.71 -9.85
C GLU A 9 -7.23 24.95 -10.72
N SER A 10 -6.09 25.26 -11.34
CA SER A 10 -6.00 26.44 -12.20
C SER A 10 -4.83 26.27 -13.19
N GLY A 11 -5.17 25.95 -14.44
CA GLY A 11 -4.20 25.95 -15.51
C GLY A 11 -4.74 26.39 -16.86
N GLY A 12 -5.75 27.25 -16.87
CA GLY A 12 -6.65 27.35 -18.00
C GLY A 12 -6.39 28.32 -19.14
N ASP A 13 -5.16 28.40 -19.64
CA ASP A 13 -4.88 29.36 -20.69
C ASP A 13 -5.29 28.82 -22.07
N LEU A 14 -5.29 29.71 -23.05
CA LEU A 14 -5.49 29.36 -24.45
C LEU A 14 -4.12 29.12 -25.07
N VAL A 15 -3.83 27.87 -25.40
CA VAL A 15 -2.47 27.43 -25.72
C VAL A 15 -2.39 27.11 -27.21
N ARG A 16 -1.33 27.57 -27.86
CA ARG A 16 -1.10 27.32 -29.28
C ARG A 16 -0.88 25.81 -29.52
N PRO A 17 -1.16 25.32 -30.72
CA PRO A 17 -0.97 23.89 -30.98
C PRO A 17 0.50 23.50 -30.99
N GLY A 18 0.78 22.26 -30.60
CA GLY A 18 2.12 21.78 -30.44
C GLY A 18 2.79 22.16 -29.13
N GLY A 19 2.21 23.10 -28.39
CA GLY A 19 2.83 23.59 -27.17
C GLY A 19 2.63 22.67 -25.99
N SER A 20 2.87 23.23 -24.81
CA SER A 20 2.83 22.48 -23.57
C SER A 20 2.23 23.35 -22.48
N LEU A 21 1.86 22.72 -21.37
CA LEU A 21 1.29 23.44 -20.23
C LEU A 21 1.45 22.60 -18.97
N LYS A 22 1.11 23.22 -17.84
CA LYS A 22 1.29 22.64 -16.50
C LYS A 22 0.18 23.16 -15.60
N LEU A 23 -0.52 22.25 -14.93
CA LEU A 23 -1.63 22.61 -14.06
C LEU A 23 -1.67 21.73 -12.83
N SER A 24 -2.16 22.29 -11.73
CA SER A 24 -2.13 21.59 -10.45
C SER A 24 -3.37 21.93 -9.65
N CYS A 25 -3.73 21.02 -8.74
CA CYS A 25 -4.87 21.21 -7.86
C CYS A 25 -4.42 21.06 -6.42
N ALA A 26 -5.03 21.87 -5.55
CA ALA A 26 -4.79 21.71 -4.12
C ALA A 26 -5.83 20.77 -3.53
N ALA A 27 -5.62 20.39 -2.27
CA ALA A 27 -6.54 19.49 -1.59
C ALA A 27 -6.60 19.85 -0.11
N SER A 28 -7.81 19.80 0.43
CA SER A 28 -8.04 20.07 1.85
C SER A 28 -8.96 19.01 2.42
N GLY A 29 -8.81 18.75 3.71
CA GLY A 29 -9.58 17.71 4.36
C GLY A 29 -8.93 16.35 4.22
N PHE A 30 -8.76 15.90 2.98
CA PHE A 30 -8.06 14.65 2.72
C PHE A 30 -6.57 14.81 3.01
N THR A 31 -6.04 13.96 3.88
CA THR A 31 -4.60 13.84 4.02
C THR A 31 -4.00 13.33 2.72
N PHE A 32 -3.12 14.12 2.12
CA PHE A 32 -2.75 13.89 0.73
C PHE A 32 -1.82 12.68 0.59
N SER A 33 -1.05 12.36 1.62
CA SER A 33 -0.12 11.24 1.50
C SER A 33 -0.84 9.91 1.58
N ASN A 34 -2.12 9.94 1.95
CA ASN A 34 -2.83 8.71 2.21
C ASN A 34 -3.40 8.12 0.92
N TYR A 35 -3.57 8.94 -0.11
CA TYR A 35 -4.33 8.57 -1.29
C TYR A 35 -3.53 8.74 -2.57
N GLY A 36 -4.20 8.51 -3.69
CA GLY A 36 -3.61 8.81 -4.98
C GLY A 36 -4.63 9.33 -5.98
N MET A 37 -4.43 10.56 -6.45
CA MET A 37 -5.36 11.16 -7.37
C MET A 37 -5.26 10.55 -8.77
N SER A 38 -6.10 11.07 -9.65
CA SER A 38 -6.04 10.76 -11.08
C SER A 38 -6.80 11.84 -11.83
N TRP A 39 -6.35 12.14 -13.04
CA TRP A 39 -7.06 13.11 -13.86
C TRP A 39 -8.06 12.39 -14.75
N VAL A 40 -9.17 13.07 -15.04
CA VAL A 40 -10.22 12.56 -15.92
C VAL A 40 -10.66 13.70 -16.83
N ARG A 41 -10.65 13.45 -18.12
CA ARG A 41 -10.94 14.46 -19.13
C ARG A 41 -12.37 14.33 -19.63
N GLN A 42 -13.08 15.45 -19.70
CA GLN A 42 -14.43 15.46 -20.27
C GLN A 42 -14.43 16.22 -21.58
N THR A 43 -14.46 15.47 -22.69
CA THR A 43 -14.59 15.96 -24.06
C THR A 43 -15.76 16.93 -24.16
N PRO A 44 -15.53 18.13 -24.74
CA PRO A 44 -16.40 19.27 -24.41
C PRO A 44 -17.81 19.22 -24.96
N ASP A 45 -18.21 18.16 -25.65
CA ASP A 45 -19.63 18.03 -25.92
C ASP A 45 -20.36 17.16 -24.89
N LYS A 46 -20.09 15.86 -24.85
CA LYS A 46 -20.67 15.04 -23.80
C LYS A 46 -19.66 14.17 -23.06
N ARG A 47 -18.84 13.44 -23.81
CA ARG A 47 -18.30 12.19 -23.29
C ARG A 47 -17.07 12.42 -22.42
N LEU A 48 -16.59 11.32 -21.87
CA LEU A 48 -15.57 11.28 -20.84
C LEU A 48 -14.52 10.24 -21.18
N GLU A 49 -13.30 10.44 -20.69
CA GLU A 49 -12.29 9.39 -20.73
C GLU A 49 -11.22 9.62 -19.69
N TRP A 50 -10.62 8.53 -19.24
CA TRP A 50 -9.62 8.56 -18.18
C TRP A 50 -8.26 9.02 -18.71
N VAL A 51 -7.60 9.88 -17.95
CA VAL A 51 -6.31 10.43 -18.37
C VAL A 51 -5.15 9.61 -17.85
N ALA A 52 -4.94 9.57 -16.53
CA ALA A 52 -3.81 8.90 -15.91
C ALA A 52 -3.97 8.91 -14.39
N THR A 53 -3.44 7.89 -13.74
CA THR A 53 -3.42 7.83 -12.28
C THR A 53 -2.01 8.00 -11.77
N ILE A 54 -1.89 8.06 -10.45
CA ILE A 54 -0.65 7.86 -9.71
C ILE A 54 -1.00 7.13 -8.42
N THR A 55 0.00 6.52 -7.79
CA THR A 55 -0.26 5.76 -6.58
C THR A 55 -0.07 6.63 -5.34
N SER A 56 -0.08 5.98 -4.19
CA SER A 56 -0.01 6.71 -2.92
C SER A 56 1.38 7.29 -2.69
N GLY A 57 2.41 6.61 -3.19
CA GLY A 57 3.77 7.08 -2.95
C GLY A 57 4.26 8.05 -4.01
N GLY A 58 3.78 7.89 -5.23
CA GLY A 58 4.17 8.73 -6.34
C GLY A 58 5.11 8.06 -7.31
N SER A 59 5.47 6.80 -7.05
CA SER A 59 6.41 6.11 -7.93
C SER A 59 5.72 5.55 -9.16
N TYR A 60 4.77 4.64 -8.97
CA TYR A 60 4.05 4.01 -10.07
C TYR A 60 3.09 5.04 -10.67
N THR A 61 3.29 5.39 -11.94
CA THR A 61 2.42 6.30 -12.65
C THR A 61 1.80 5.55 -13.81
N TYR A 62 0.47 5.50 -13.86
CA TYR A 62 -0.16 4.66 -14.85
C TYR A 62 -0.78 5.51 -15.96
N HIS A 63 -0.53 5.11 -17.19
CA HIS A 63 -0.91 5.86 -18.37
C HIS A 63 -1.95 5.05 -19.13
N PRO A 64 -2.56 5.54 -20.21
CA PRO A 64 -3.21 4.63 -21.15
C PRO A 64 -2.27 4.30 -22.29
N ASP A 65 -2.68 3.33 -23.11
CA ASP A 65 -1.81 2.89 -24.20
C ASP A 65 -1.88 3.81 -25.40
N SER A 66 -2.92 4.64 -25.47
CA SER A 66 -3.16 5.44 -26.68
C SER A 66 -2.18 6.60 -26.76
N LEU A 67 -2.05 7.35 -25.67
CA LEU A 67 -1.04 8.38 -25.55
C LEU A 67 -0.01 7.91 -24.53
N LYS A 68 1.27 7.96 -24.91
CA LYS A 68 2.36 7.54 -24.04
C LYS A 68 3.33 8.66 -23.72
N GLY A 69 3.87 9.33 -24.72
CA GLY A 69 4.91 10.33 -24.45
C GLY A 69 4.34 11.68 -24.06
N ARG A 70 3.03 11.87 -24.25
CA ARG A 70 2.46 13.21 -24.13
C ARG A 70 2.23 13.62 -22.68
N ILE A 71 2.10 12.66 -21.78
CA ILE A 71 1.68 12.96 -20.41
C ILE A 71 2.64 12.34 -19.40
N THR A 72 2.96 13.12 -18.38
CA THR A 72 3.71 12.66 -17.20
C THR A 72 3.10 13.35 -15.99
N ILE A 73 2.89 12.61 -14.90
CA ILE A 73 2.40 13.20 -13.66
C ILE A 73 3.52 13.26 -12.64
N SER A 74 3.69 14.41 -11.99
CA SER A 74 4.51 14.47 -10.80
C SER A 74 3.62 14.74 -9.61
N ARG A 75 3.94 14.11 -8.49
CA ARG A 75 3.17 14.22 -7.26
C ARG A 75 4.01 14.91 -6.21
N ASP A 76 3.46 15.96 -5.61
CA ASP A 76 4.19 16.77 -4.64
C ASP A 76 3.53 16.62 -3.28
N ASN A 77 4.09 15.74 -2.44
CA ASN A 77 3.42 15.34 -1.21
C ASN A 77 3.53 16.42 -0.14
N ALA A 78 4.49 17.34 -0.30
CA ALA A 78 4.73 18.33 0.75
C ALA A 78 3.67 19.42 0.74
N LYS A 79 3.15 19.76 -0.44
CA LYS A 79 2.24 20.89 -0.56
C LYS A 79 0.82 20.48 -0.90
N ASN A 80 0.50 19.18 -0.76
CA ASN A 80 -0.84 18.61 -0.99
C ASN A 80 -1.33 18.86 -2.41
N THR A 81 -0.41 18.91 -3.37
CA THR A 81 -0.73 19.21 -4.75
C THR A 81 -0.04 18.20 -5.66
N LEU A 82 -0.64 17.96 -6.82
CA LEU A 82 0.01 17.17 -7.86
C LEU A 82 0.00 17.94 -9.16
N TYR A 83 1.04 17.75 -9.96
CA TYR A 83 1.22 18.46 -11.21
C TYR A 83 0.93 17.54 -12.38
N LEU A 84 0.15 18.01 -13.34
CA LEU A 84 -0.02 17.34 -14.61
C LEU A 84 0.86 18.03 -15.63
N GLN A 85 1.92 17.36 -16.05
CA GLN A 85 2.80 17.87 -17.09
C GLN A 85 2.30 17.39 -18.44
N MET A 86 1.75 18.31 -19.22
CA MET A 86 1.25 18.04 -20.55
C MET A 86 2.23 18.57 -21.58
N SER A 87 2.57 17.75 -22.57
CA SER A 87 3.52 18.16 -23.59
C SER A 87 3.04 17.68 -24.96
N SER A 88 3.38 18.49 -25.97
CA SER A 88 3.12 18.22 -27.39
C SER A 88 1.64 18.01 -27.67
N LEU A 89 0.94 19.07 -27.32
CA LEU A 89 -0.46 19.08 -27.45
C LEU A 89 -0.81 18.88 -28.87
N LYS A 90 -1.74 17.95 -29.05
CA LYS A 90 -2.32 17.64 -30.33
C LYS A 90 -3.46 18.63 -30.57
N SER A 91 -3.97 18.72 -31.78
CA SER A 91 -5.15 19.56 -31.94
C SER A 91 -6.34 18.73 -31.55
N GLU A 92 -7.38 19.41 -31.16
CA GLU A 92 -8.62 18.76 -30.80
C GLU A 92 -8.72 17.74 -29.74
N ASP A 93 -7.95 17.94 -28.70
CA ASP A 93 -8.17 17.14 -27.56
C ASP A 93 -7.98 18.23 -26.56
N THR A 94 -8.91 19.16 -26.57
CA THR A 94 -8.89 20.24 -25.64
C THR A 94 -10.17 20.05 -24.98
N ALA A 95 -10.16 19.91 -23.68
CA ALA A 95 -11.37 19.73 -22.93
C ALA A 95 -11.11 19.98 -21.49
N MET A 96 -12.17 20.00 -20.73
CA MET A 96 -12.09 20.30 -19.30
C MET A 96 -11.41 19.16 -18.57
N PHE A 97 -10.73 19.46 -17.47
CA PHE A 97 -10.07 18.47 -16.64
C PHE A 97 -10.71 18.39 -15.26
N TYR A 98 -10.63 17.21 -14.64
CA TYR A 98 -11.09 16.98 -13.29
C TYR A 98 -10.09 16.08 -12.57
N CYS A 99 -10.05 16.19 -11.25
CA CYS A 99 -9.20 15.32 -10.43
C CYS A 99 -10.06 14.46 -9.52
N THR A 100 -9.74 13.17 -9.45
CA THR A 100 -10.49 12.21 -8.67
C THR A 100 -9.85 12.03 -7.30
N ARG A 101 -10.21 10.95 -6.61
CA ARG A 101 -9.78 10.74 -5.25
C ARG A 101 -9.13 9.39 -4.99
N ARG A 102 -9.55 8.34 -5.72
CA ARG A 102 -9.35 6.94 -5.31
C ARG A 102 -9.91 6.72 -3.92
N GLY A 103 -11.24 6.78 -3.81
CA GLY A 103 -11.85 6.67 -2.50
C GLY A 103 -12.21 5.25 -2.13
N TYR A 104 -12.69 4.46 -3.09
CA TYR A 104 -13.43 3.24 -2.80
C TYR A 104 -12.93 2.06 -3.64
N TYR A 105 -11.62 1.83 -3.63
CA TYR A 105 -11.02 0.82 -4.49
C TYR A 105 -11.29 -0.59 -3.99
N SER A 106 -11.19 -1.56 -4.90
CA SER A 106 -11.11 -2.96 -4.55
C SER A 106 -10.43 -3.71 -5.68
N GLY A 107 -10.56 -5.04 -5.64
CA GLY A 107 -10.04 -5.88 -6.69
C GLY A 107 -8.54 -6.08 -6.59
N SER A 108 -8.04 -7.00 -7.42
CA SER A 108 -6.62 -7.30 -7.40
C SER A 108 -5.83 -6.25 -8.17
N THR A 109 -6.33 -5.86 -9.33
CA THR A 109 -5.68 -4.84 -10.15
C THR A 109 -5.76 -3.49 -9.44
N TYR A 110 -4.72 -2.67 -9.60
CA TYR A 110 -4.73 -1.36 -8.94
C TYR A 110 -5.78 -0.45 -9.57
N VAL A 111 -5.92 -0.48 -10.89
CA VAL A 111 -6.80 0.45 -11.59
C VAL A 111 -8.24 -0.02 -11.60
N ASP A 112 -8.56 -1.10 -10.88
CA ASP A 112 -9.93 -1.30 -10.46
C ASP A 112 -10.24 -0.29 -9.38
N TYR A 113 -11.29 0.50 -9.56
CA TYR A 113 -11.19 1.87 -9.11
C TYR A 113 -12.57 2.47 -8.92
N ALA A 114 -12.63 3.52 -8.10
CA ALA A 114 -13.84 4.28 -7.87
C ALA A 114 -13.47 5.74 -7.68
N MET A 115 -14.39 6.63 -8.04
CA MET A 115 -14.08 8.05 -8.18
C MET A 115 -15.15 8.89 -7.47
N ASP A 116 -14.85 9.31 -6.25
CA ASP A 116 -15.70 10.28 -5.58
C ASP A 116 -14.96 11.61 -5.45
N TYR A 117 -15.70 12.65 -5.04
CA TYR A 117 -15.18 13.98 -4.75
C TYR A 117 -14.44 14.58 -5.94
N TRP A 118 -15.19 14.83 -6.99
CA TRP A 118 -14.66 15.39 -8.21
C TRP A 118 -14.30 16.85 -8.03
N GLY A 119 -13.52 17.38 -8.97
CA GLY A 119 -13.04 18.74 -8.89
C GLY A 119 -14.03 19.75 -9.43
N GLN A 120 -13.50 20.94 -9.73
CA GLN A 120 -14.34 21.99 -10.27
C GLN A 120 -14.19 22.11 -11.78
N GLY A 121 -12.98 22.02 -12.29
CA GLY A 121 -12.79 22.04 -13.73
C GLY A 121 -12.08 23.25 -14.26
N THR A 122 -11.09 23.02 -15.12
CA THR A 122 -10.44 24.09 -15.86
C THR A 122 -10.35 23.70 -17.32
N SER A 123 -10.75 24.61 -18.20
CA SER A 123 -10.68 24.32 -19.61
C SER A 123 -9.25 24.44 -20.12
N VAL A 124 -8.92 23.58 -21.08
CA VAL A 124 -7.70 23.70 -21.86
C VAL A 124 -8.13 23.72 -23.31
N THR A 125 -7.71 24.74 -24.06
CA THR A 125 -8.27 24.98 -25.37
C THR A 125 -7.17 25.45 -26.33
N VAL A 126 -7.20 24.87 -27.53
CA VAL A 126 -6.25 25.22 -28.58
C VAL A 126 -6.96 25.89 -29.75
N ILE B 5 -13.67 -3.57 -24.11
CA ILE B 5 -15.11 -3.54 -23.89
C ILE B 5 -15.72 -2.26 -24.43
N VAL B 6 -16.80 -2.39 -25.20
CA VAL B 6 -17.63 -1.26 -25.57
C VAL B 6 -18.83 -1.27 -24.62
N ILE B 7 -18.82 -0.35 -23.65
CA ILE B 7 -19.98 -0.16 -22.79
C ILE B 7 -21.02 0.70 -23.50
N THR B 8 -22.23 0.17 -23.62
CA THR B 8 -23.33 0.91 -24.18
C THR B 8 -24.46 0.94 -23.17
N GLN B 9 -25.35 1.92 -23.33
CA GLN B 9 -26.63 1.92 -22.63
C GLN B 9 -27.70 2.41 -23.58
N THR B 10 -28.88 1.79 -23.50
CA THR B 10 -29.83 1.89 -24.60
C THR B 10 -30.65 3.19 -24.66
N PRO B 11 -31.20 3.77 -23.58
CA PRO B 11 -31.98 4.99 -23.77
C PRO B 11 -31.08 6.19 -24.04
N ALA B 12 -31.31 6.84 -25.18
CA ALA B 12 -30.62 8.09 -25.47
C ALA B 12 -31.30 9.26 -24.77
N ILE B 13 -32.64 9.24 -24.72
CA ILE B 13 -33.43 10.21 -23.98
C ILE B 13 -34.53 9.46 -23.24
N LEU B 14 -35.26 10.18 -22.39
CA LEU B 14 -36.28 9.58 -21.55
C LEU B 14 -37.18 10.68 -21.02
N SER B 15 -38.44 10.33 -20.77
CA SER B 15 -39.37 11.23 -20.08
C SER B 15 -40.31 10.41 -19.22
N VAL B 16 -40.41 10.79 -17.95
CA VAL B 16 -41.41 10.22 -17.04
C VAL B 16 -42.02 11.36 -16.25
N SER B 17 -43.21 11.10 -15.71
CA SER B 17 -43.84 11.98 -14.73
C SER B 17 -43.12 11.82 -13.39
N PRO B 18 -43.22 12.82 -12.51
CA PRO B 18 -42.57 12.67 -11.18
C PRO B 18 -43.17 11.63 -10.24
N GLY B 19 -44.17 10.86 -10.66
CA GLY B 19 -44.67 9.78 -9.83
C GLY B 19 -44.08 8.44 -10.19
N GLU B 20 -43.76 8.22 -11.47
CA GLU B 20 -43.47 6.90 -11.99
C GLU B 20 -41.99 6.60 -11.97
N ARG B 21 -41.65 5.36 -11.59
CA ARG B 21 -40.27 4.90 -11.61
C ARG B 21 -39.78 4.68 -13.04
N VAL B 22 -38.48 4.41 -13.17
CA VAL B 22 -37.83 4.17 -14.45
C VAL B 22 -36.52 3.43 -14.21
N SER B 23 -36.09 2.62 -15.19
CA SER B 23 -34.81 1.94 -15.13
C SER B 23 -33.93 2.36 -16.30
N PHE B 24 -32.62 2.29 -16.10
CA PHE B 24 -31.65 2.59 -17.15
C PHE B 24 -30.91 1.31 -17.50
N SER B 25 -31.22 0.74 -18.65
CA SER B 25 -30.55 -0.49 -19.03
C SER B 25 -29.15 -0.19 -19.56
N CYS B 26 -28.17 -0.90 -19.01
CA CYS B 26 -26.80 -0.86 -19.50
C CYS B 26 -26.41 -2.26 -19.90
N ARG B 27 -25.46 -2.37 -20.81
CA ARG B 27 -25.05 -3.67 -21.31
C ARG B 27 -23.57 -3.66 -21.62
N ALA B 28 -22.87 -4.69 -21.13
CA ALA B 28 -21.45 -4.85 -21.35
C ALA B 28 -21.21 -5.85 -22.46
N SER B 29 -20.21 -5.59 -23.28
CA SER B 29 -19.90 -6.49 -24.39
C SER B 29 -19.29 -7.79 -23.89
N GLN B 30 -18.39 -7.69 -22.92
CA GLN B 30 -17.76 -8.85 -22.32
C GLN B 30 -18.17 -8.88 -20.85
N GLY B 31 -18.13 -10.07 -20.24
CA GLY B 31 -18.60 -10.20 -18.87
C GLY B 31 -17.68 -9.50 -17.89
N ILE B 32 -18.28 -8.77 -16.95
CA ILE B 32 -17.57 -8.04 -15.91
C ILE B 32 -18.07 -8.55 -14.56
N GLY B 33 -17.16 -8.90 -13.68
CA GLY B 33 -17.53 -9.45 -12.39
C GLY B 33 -18.06 -8.42 -11.40
N THR B 34 -19.25 -7.88 -11.70
CA THR B 34 -19.99 -6.93 -10.85
C THR B 34 -19.15 -5.71 -10.47
N SER B 35 -18.40 -5.18 -11.44
CA SER B 35 -17.55 -4.04 -11.19
C SER B 35 -17.87 -2.95 -12.22
N ILE B 36 -18.92 -2.18 -11.94
CA ILE B 36 -19.26 -0.96 -12.66
C ILE B 36 -19.58 0.09 -11.61
N HIS B 37 -19.94 1.28 -12.06
CA HIS B 37 -20.38 2.33 -11.15
C HIS B 37 -21.49 3.14 -11.80
N TRP B 38 -21.93 4.18 -11.12
CA TRP B 38 -22.92 5.09 -11.69
C TRP B 38 -22.59 6.51 -11.23
N TYR B 39 -22.52 7.43 -12.18
CA TYR B 39 -22.30 8.81 -11.83
C TYR B 39 -23.50 9.67 -12.21
N GLN B 40 -23.57 10.85 -11.61
CA GLN B 40 -24.76 11.71 -11.71
C GLN B 40 -24.32 13.11 -12.11
N GLN B 41 -24.16 13.33 -13.40
CA GLN B 41 -23.76 14.64 -13.90
C GLN B 41 -24.93 15.60 -13.88
N ARG B 42 -24.80 16.66 -13.11
CA ARG B 42 -25.84 17.69 -13.09
C ARG B 42 -25.65 18.65 -14.26
N THR B 43 -26.37 19.77 -14.23
CA THR B 43 -26.41 20.66 -15.38
C THR B 43 -25.10 21.43 -15.53
N ASN B 44 -24.69 22.13 -14.49
CA ASN B 44 -23.54 23.01 -14.57
C ASN B 44 -22.53 22.74 -13.47
N GLY B 45 -22.18 21.48 -13.24
CA GLY B 45 -21.27 21.13 -12.16
C GLY B 45 -20.46 19.89 -12.50
N SER B 46 -20.18 19.13 -11.46
CA SER B 46 -19.30 17.99 -11.55
C SER B 46 -20.03 16.74 -11.09
N PRO B 47 -19.64 15.57 -11.59
CA PRO B 47 -20.34 14.34 -11.20
C PRO B 47 -20.10 13.93 -9.75
N ARG B 48 -20.76 12.84 -9.37
CA ARG B 48 -20.72 12.30 -8.02
C ARG B 48 -21.18 10.86 -8.07
N LEU B 49 -20.92 10.11 -6.99
CA LEU B 49 -21.35 8.72 -6.99
C LEU B 49 -22.82 8.58 -6.64
N LEU B 50 -23.42 7.53 -7.19
CA LEU B 50 -24.74 7.09 -6.74
C LEU B 50 -24.68 5.67 -6.22
N ILE B 51 -24.17 4.75 -7.04
CA ILE B 51 -24.22 3.32 -6.77
C ILE B 51 -22.83 2.74 -6.95
N LYS B 52 -22.30 2.15 -5.89
CA LYS B 52 -20.97 1.58 -5.85
C LYS B 52 -21.04 0.08 -6.11
N TYR B 53 -20.21 -0.40 -7.06
CA TYR B 53 -20.01 -1.83 -7.36
C TYR B 53 -21.31 -2.54 -7.71
N ALA B 54 -22.21 -1.80 -8.38
CA ALA B 54 -23.44 -2.24 -9.01
C ALA B 54 -24.55 -2.62 -8.04
N SER B 55 -24.27 -2.69 -6.74
CA SER B 55 -25.35 -2.93 -5.80
C SER B 55 -25.24 -2.11 -4.53
N GLU B 56 -24.01 -1.74 -4.15
CA GLU B 56 -23.82 -1.13 -2.84
C GLU B 56 -24.14 0.35 -2.89
N SER B 57 -25.14 0.76 -2.11
CA SER B 57 -25.55 2.16 -2.02
C SER B 57 -24.74 2.83 -0.92
N LEU B 58 -24.26 4.03 -1.20
CA LEU B 58 -23.47 4.76 -0.22
C LEU B 58 -24.36 5.41 0.84
N SER B 59 -23.73 6.24 1.67
CA SER B 59 -24.48 7.07 2.58
C SER B 59 -24.80 8.41 1.95
N GLY B 60 -23.97 8.85 1.00
CA GLY B 60 -24.21 10.13 0.36
C GLY B 60 -25.33 10.09 -0.65
N THR B 61 -25.64 8.90 -1.16
CA THR B 61 -26.74 8.78 -2.10
C THR B 61 -28.08 8.84 -1.37
N PRO B 62 -29.12 9.34 -2.01
CA PRO B 62 -30.47 9.18 -1.44
C PRO B 62 -30.90 7.73 -1.50
N ALA B 63 -31.89 7.40 -0.66
CA ALA B 63 -32.34 6.02 -0.56
C ALA B 63 -33.23 5.61 -1.72
N ARG B 64 -33.66 6.56 -2.55
CA ARG B 64 -34.51 6.23 -3.68
C ARG B 64 -33.74 5.45 -4.73
N PHE B 65 -32.46 5.74 -4.88
CA PHE B 65 -31.62 5.08 -5.86
C PHE B 65 -31.34 3.63 -5.46
N SER B 66 -31.38 2.76 -6.44
CA SER B 66 -31.12 1.34 -6.21
C SER B 66 -30.70 0.71 -7.52
N GLY B 67 -29.68 -0.13 -7.45
CA GLY B 67 -29.15 -0.79 -8.63
C GLY B 67 -28.99 -2.28 -8.41
N SER B 68 -29.05 -3.01 -9.51
CA SER B 68 -28.94 -4.47 -9.44
C SER B 68 -28.40 -4.97 -10.77
N GLY B 69 -28.07 -6.25 -10.79
CA GLY B 69 -27.56 -6.88 -11.99
C GLY B 69 -26.28 -7.66 -11.72
N SER B 70 -26.16 -8.77 -12.42
CA SER B 70 -25.01 -9.65 -12.25
C SER B 70 -24.57 -10.17 -13.61
N GLY B 71 -23.25 -10.14 -13.82
CA GLY B 71 -22.66 -10.73 -15.01
C GLY B 71 -22.58 -9.86 -16.25
N THR B 72 -23.70 -9.69 -16.97
CA THR B 72 -23.65 -8.99 -18.24
C THR B 72 -24.43 -7.69 -18.25
N ASP B 73 -25.74 -7.73 -18.00
CA ASP B 73 -26.58 -6.54 -18.12
C ASP B 73 -26.82 -5.94 -16.75
N PHE B 74 -26.42 -4.69 -16.59
CA PHE B 74 -26.49 -3.99 -15.32
C PHE B 74 -27.47 -2.84 -15.45
N THR B 75 -28.10 -2.49 -14.34
CA THR B 75 -29.06 -1.39 -14.37
C THR B 75 -29.22 -0.79 -12.99
N LEU B 76 -29.67 0.46 -12.96
CA LEU B 76 -30.16 1.10 -11.76
C LEU B 76 -31.65 1.30 -11.90
N SER B 77 -32.38 1.13 -10.80
CA SER B 77 -33.82 0.96 -10.86
C SER B 77 -34.53 1.95 -9.96
N ILE B 78 -34.28 3.26 -10.18
CA ILE B 78 -34.75 4.34 -9.32
C ILE B 78 -36.26 4.33 -9.14
N ASN B 79 -36.69 4.31 -7.88
CA ASN B 79 -38.05 3.87 -7.58
C ASN B 79 -39.01 5.04 -7.48
N SER B 80 -38.49 6.24 -7.27
CA SER B 80 -39.31 7.43 -7.19
C SER B 80 -38.53 8.60 -7.73
N VAL B 81 -39.02 9.19 -8.82
CA VAL B 81 -38.36 10.32 -9.45
C VAL B 81 -38.80 11.57 -8.72
N GLU B 82 -37.99 12.00 -7.76
CA GLU B 82 -38.25 13.26 -7.09
C GLU B 82 -37.89 14.40 -8.02
N SER B 83 -38.68 15.46 -7.96
CA SER B 83 -38.55 16.56 -8.90
C SER B 83 -37.22 17.29 -8.70
N GLU B 84 -36.65 17.71 -9.82
CA GLU B 84 -35.30 18.25 -9.95
C GLU B 84 -34.27 17.29 -9.35
N ASP B 85 -34.37 16.04 -9.76
CA ASP B 85 -33.25 15.11 -9.74
C ASP B 85 -33.04 14.66 -11.18
N VAL B 86 -32.35 15.50 -11.94
CA VAL B 86 -32.24 15.37 -13.39
C VAL B 86 -30.78 15.50 -13.77
N GLY B 87 -30.49 15.22 -15.03
CA GLY B 87 -29.13 15.46 -15.49
C GLY B 87 -28.72 14.43 -16.52
N ASP B 88 -27.51 13.94 -16.34
CA ASP B 88 -26.86 13.04 -17.29
C ASP B 88 -26.25 11.91 -16.49
N TYR B 89 -26.63 10.68 -16.78
CA TYR B 89 -26.21 9.55 -15.95
C TYR B 89 -25.20 8.73 -16.74
N TYR B 90 -23.92 8.93 -16.43
CA TYR B 90 -22.89 8.17 -17.09
C TYR B 90 -22.64 6.85 -16.40
N CYS B 91 -22.20 5.87 -17.16
CA CYS B 91 -21.84 4.57 -16.65
C CYS B 91 -20.34 4.37 -16.78
N GLN B 92 -19.76 3.54 -15.97
CA GLN B 92 -18.33 3.40 -16.04
C GLN B 92 -17.95 2.03 -15.75
N GLN B 93 -16.83 1.54 -16.23
CA GLN B 93 -16.52 0.15 -15.96
C GLN B 93 -15.16 0.00 -15.52
N SER B 94 -14.89 -0.85 -14.57
CA SER B 94 -13.54 -0.90 -14.07
C SER B 94 -12.78 -2.14 -14.31
N TYR B 95 -13.23 -2.96 -15.20
CA TYR B 95 -12.49 -4.17 -15.46
C TYR B 95 -11.63 -3.97 -16.66
N ARG B 96 -11.01 -5.04 -17.11
CA ARG B 96 -10.14 -5.02 -18.28
C ARG B 96 -9.06 -4.00 -18.14
N TRP B 97 -8.80 -3.21 -19.16
CA TRP B 97 -7.74 -2.25 -18.95
C TRP B 97 -8.01 -0.81 -18.82
N PRO B 98 -8.24 -0.11 -19.90
CA PRO B 98 -8.47 1.29 -19.72
C PRO B 98 -9.85 1.39 -19.23
N PRO B 99 -10.11 2.05 -18.12
CA PRO B 99 -11.51 2.15 -17.75
C PRO B 99 -12.14 3.07 -18.76
N THR B 100 -13.31 2.76 -19.25
CA THR B 100 -13.94 3.60 -20.24
C THR B 100 -15.30 3.90 -19.79
N PHE B 101 -15.75 5.13 -19.91
CA PHE B 101 -17.07 5.45 -19.45
C PHE B 101 -18.14 5.26 -20.49
N GLY B 102 -19.40 5.54 -20.17
CA GLY B 102 -20.55 5.47 -21.04
C GLY B 102 -20.63 6.61 -22.03
N ALA B 103 -21.73 6.63 -22.78
CA ALA B 103 -21.94 7.72 -23.73
C ALA B 103 -22.74 8.84 -23.10
N GLY B 104 -23.84 8.50 -22.43
CA GLY B 104 -24.67 9.51 -21.81
C GLY B 104 -26.13 9.09 -21.88
N THR B 105 -26.94 9.72 -21.03
CA THR B 105 -28.37 9.44 -20.97
C THR B 105 -29.08 10.67 -20.41
N LYS B 106 -30.22 11.05 -20.96
CA LYS B 106 -30.95 12.19 -20.46
C LYS B 106 -32.08 11.73 -19.55
N LEU B 107 -32.44 12.58 -18.59
CA LEU B 107 -33.50 12.26 -17.65
C LEU B 107 -34.42 13.46 -17.45
N GLU B 108 -34.90 14.04 -18.53
CA GLU B 108 -35.84 15.15 -18.39
C GLU B 108 -37.23 14.60 -18.05
N LEU B 109 -38.03 15.42 -17.38
CA LEU B 109 -39.35 15.01 -16.93
C LEU B 109 -40.35 14.93 -18.09
N ALA C 2 25.52 8.22 17.00
CA ALA C 2 25.11 7.95 15.63
C ALA C 2 23.92 8.81 15.24
N LYS C 3 24.16 10.11 15.10
CA LYS C 3 23.10 11.06 14.80
C LYS C 3 22.71 10.94 13.33
N LEU C 4 21.44 11.16 13.05
CA LEU C 4 20.94 11.15 11.68
C LEU C 4 19.89 12.24 11.52
N GLU C 5 19.70 12.66 10.28
CA GLU C 5 18.73 13.69 9.94
C GLU C 5 18.45 13.61 8.45
N THR C 6 17.36 14.26 8.04
CA THR C 6 17.09 14.39 6.62
C THR C 6 18.10 15.33 6.00
N VAL C 7 18.93 14.80 5.11
CA VAL C 7 20.04 15.54 4.54
C VAL C 7 19.64 16.01 3.15
N THR C 8 19.77 17.30 2.91
CA THR C 8 19.56 17.86 1.58
C THR C 8 20.91 17.98 0.88
N LEU C 9 20.90 17.67 -0.40
CA LEU C 9 22.07 17.82 -1.25
C LEU C 9 21.80 18.95 -2.23
N GLY C 10 22.63 19.99 -2.17
CA GLY C 10 22.39 21.19 -2.95
C GLY C 10 23.42 21.36 -4.04
N ASN C 11 22.91 21.69 -5.24
CA ASN C 11 23.69 21.91 -6.46
C ASN C 11 24.49 20.68 -6.86
N ILE C 12 23.80 19.55 -6.99
CA ILE C 12 24.36 18.35 -7.58
C ILE C 12 23.52 18.00 -8.80
N GLY C 13 24.17 17.96 -9.95
CA GLY C 13 23.50 17.60 -11.18
C GLY C 13 24.48 17.76 -12.33
N LYS C 14 23.95 17.55 -13.53
CA LYS C 14 24.75 17.76 -14.73
C LYS C 14 25.04 19.24 -14.92
N ASP C 15 24.08 20.09 -14.53
CA ASP C 15 24.27 21.53 -14.60
C ASP C 15 24.70 22.11 -13.27
N GLY C 16 24.29 21.51 -12.16
CA GLY C 16 24.48 22.09 -10.85
C GLY C 16 23.28 22.83 -10.31
N LYS C 17 22.10 22.66 -10.91
CA LYS C 17 20.91 23.34 -10.43
C LYS C 17 20.01 22.41 -9.63
N GLN C 18 20.20 21.11 -9.74
CA GLN C 18 19.27 20.18 -9.11
C GLN C 18 19.58 20.04 -7.63
N THR C 19 18.54 19.71 -6.86
CA THR C 19 18.68 19.40 -5.45
C THR C 19 18.12 18.02 -5.18
N LEU C 20 18.59 17.42 -4.09
CA LEU C 20 18.17 16.09 -3.69
C LEU C 20 17.84 16.12 -2.21
N VAL C 21 16.84 15.33 -1.81
CA VAL C 21 16.48 15.20 -0.41
C VAL C 21 16.65 13.74 -0.02
N LEU C 22 17.18 13.49 1.18
CA LEU C 22 17.38 12.13 1.68
C LEU C 22 16.86 12.06 3.10
N ASN C 23 16.21 10.95 3.42
CA ASN C 23 15.75 10.73 4.78
C ASN C 23 16.41 9.49 5.38
N PRO C 24 16.66 9.47 6.68
CA PRO C 24 17.35 8.33 7.28
C PRO C 24 16.43 7.14 7.47
N ARG C 25 16.98 5.95 7.29
CA ARG C 25 16.24 4.71 7.44
C ARG C 25 17.02 3.70 8.26
N GLY C 26 17.54 4.12 9.39
CA GLY C 26 17.90 3.19 10.45
C GLY C 26 19.27 2.57 10.31
N VAL C 27 19.94 2.42 11.45
CA VAL C 27 21.23 1.76 11.53
C VAL C 27 21.01 0.26 11.59
N ASN C 28 21.65 -0.47 10.70
CA ASN C 28 21.64 -1.92 10.76
C ASN C 28 22.70 -2.40 11.74
N PRO C 29 22.34 -3.04 12.84
CA PRO C 29 23.35 -3.43 13.83
C PRO C 29 24.11 -4.69 13.48
N THR C 30 23.83 -5.31 12.33
CA THR C 30 24.57 -6.51 11.95
C THR C 30 26.01 -6.18 11.58
N ASN C 31 26.21 -5.13 10.80
CA ASN C 31 27.53 -4.78 10.29
C ASN C 31 27.79 -3.28 10.29
N GLY C 32 27.14 -2.53 11.18
CA GLY C 32 27.42 -1.12 11.33
C GLY C 32 26.96 -0.25 10.18
N VAL C 33 26.16 -0.77 9.26
CA VAL C 33 25.79 -0.03 8.07
C VAL C 33 24.70 0.97 8.40
N ALA C 34 25.05 2.26 8.36
CA ALA C 34 24.07 3.32 8.48
C ALA C 34 23.59 3.72 7.09
N SER C 35 22.29 3.60 6.86
CA SER C 35 21.76 3.86 5.53
C SER C 35 20.97 5.16 5.52
N LEU C 36 21.03 5.84 4.38
CA LEU C 36 20.15 6.95 4.06
C LEU C 36 19.49 6.60 2.74
N SER C 37 18.27 7.10 2.53
CA SER C 37 17.59 6.75 1.31
C SER C 37 16.83 7.95 0.77
N GLN C 38 16.20 7.74 -0.37
CA GLN C 38 15.37 8.76 -0.99
C GLN C 38 13.92 8.40 -0.73
N ALA C 39 13.09 9.42 -0.55
CA ALA C 39 11.72 9.22 -0.08
C ALA C 39 10.85 8.63 -1.17
N GLY C 40 10.84 7.31 -1.24
CA GLY C 40 10.02 6.61 -2.23
C GLY C 40 9.19 5.53 -1.59
N ALA C 41 8.16 5.10 -2.31
CA ALA C 41 7.33 4.00 -1.82
C ALA C 41 7.94 2.65 -2.15
N VAL C 42 8.40 2.49 -3.39
CA VAL C 42 8.98 1.24 -3.85
C VAL C 42 10.34 1.05 -3.16
N PRO C 43 10.60 -0.09 -2.55
CA PRO C 43 11.91 -0.32 -1.93
C PRO C 43 13.00 -0.72 -2.91
N ALA C 44 12.73 -0.75 -4.20
CA ALA C 44 13.72 -1.16 -5.18
C ALA C 44 13.90 -0.15 -6.31
N LEU C 45 13.22 0.99 -6.24
CA LEU C 45 13.37 2.05 -7.24
C LEU C 45 13.75 3.37 -6.58
N GLU C 46 14.71 3.32 -5.67
CA GLU C 46 15.08 4.50 -4.91
C GLU C 46 16.59 4.61 -4.79
N LYS C 47 17.09 5.82 -4.94
CA LYS C 47 18.51 6.08 -4.78
C LYS C 47 18.88 5.97 -3.31
N ARG C 48 19.94 5.24 -3.01
CA ARG C 48 20.31 5.00 -1.62
C ARG C 48 21.80 5.17 -1.41
N VAL C 49 22.14 5.60 -0.20
CA VAL C 49 23.51 5.92 0.18
C VAL C 49 23.80 5.24 1.50
N THR C 50 24.77 4.34 1.52
CA THR C 50 25.15 3.68 2.76
C THR C 50 26.53 4.16 3.19
N VAL C 51 26.74 4.21 4.49
CA VAL C 51 28.02 4.63 5.06
C VAL C 51 28.29 3.78 6.30
N SER C 52 29.54 3.35 6.48
CA SER C 52 29.84 2.43 7.57
C SER C 52 31.26 2.63 8.05
N VAL C 53 31.44 3.39 9.13
CA VAL C 53 32.72 3.40 9.81
C VAL C 53 32.95 2.05 10.49
N SER C 54 34.21 1.64 10.55
CA SER C 54 34.56 0.33 11.07
C SER C 54 35.50 0.45 12.26
N GLN C 55 35.98 -0.69 12.72
CA GLN C 55 36.84 -0.79 13.88
C GLN C 55 37.99 -1.74 13.57
N PRO C 56 39.13 -1.58 14.23
CA PRO C 56 40.24 -2.51 13.98
C PRO C 56 40.21 -3.73 14.88
N SER C 57 40.26 -4.91 14.27
CA SER C 57 40.52 -6.12 15.02
C SER C 57 42.02 -6.41 15.02
N ARG C 58 42.38 -7.62 15.45
CA ARG C 58 43.77 -8.04 15.33
C ARG C 58 44.05 -8.64 13.96
N ASN C 59 43.07 -8.63 13.06
CA ASN C 59 43.27 -9.15 11.72
C ASN C 59 43.88 -8.09 10.81
N ARG C 60 43.28 -6.91 10.75
CA ARG C 60 43.66 -5.95 9.71
C ARG C 60 44.39 -4.73 10.28
N LYS C 61 44.05 -4.31 11.50
CA LYS C 61 44.72 -3.27 12.28
C LYS C 61 44.74 -1.91 11.56
N ASN C 62 43.57 -1.39 11.19
CA ASN C 62 43.41 -0.11 10.52
C ASN C 62 41.94 0.29 10.53
N TYR C 63 41.67 1.59 10.45
CA TYR C 63 40.29 1.99 10.25
C TYR C 63 39.92 1.79 8.78
N LYS C 64 38.66 1.55 8.52
CA LYS C 64 38.22 1.27 7.16
C LYS C 64 36.85 1.91 6.94
N VAL C 65 36.87 3.15 6.45
CA VAL C 65 35.62 3.85 6.22
C VAL C 65 35.14 3.54 4.81
N GLN C 66 33.85 3.22 4.68
CA GLN C 66 33.33 2.84 3.38
C GLN C 66 32.00 3.52 3.13
N VAL C 67 31.84 4.07 1.93
CA VAL C 67 30.62 4.72 1.49
C VAL C 67 30.22 4.10 0.16
N LYS C 68 28.99 3.60 0.09
CA LYS C 68 28.45 3.08 -1.16
C LYS C 68 27.29 3.96 -1.59
N ILE C 69 27.15 4.13 -2.90
CA ILE C 69 26.05 4.84 -3.50
C ILE C 69 25.47 3.95 -4.58
N GLN C 70 24.15 3.78 -4.58
CA GLN C 70 23.53 2.90 -5.55
C GLN C 70 22.37 3.62 -6.23
N ASN C 71 22.56 4.03 -7.46
CA ASN C 71 21.50 4.72 -8.18
C ASN C 71 20.89 3.78 -9.22
N PRO C 72 19.64 3.40 -9.09
CA PRO C 72 19.13 2.46 -10.06
C PRO C 72 18.15 3.13 -10.88
N THR C 73 18.36 3.14 -12.18
CA THR C 73 17.47 3.79 -13.11
C THR C 73 16.61 2.74 -13.69
N ALA C 74 15.31 2.91 -13.60
CA ALA C 74 14.47 1.92 -14.16
C ALA C 74 13.68 2.56 -15.21
N CYS C 75 13.61 1.91 -16.35
CA CYS C 75 12.88 2.42 -17.47
C CYS C 75 11.39 2.22 -17.43
N THR C 76 10.73 2.93 -18.32
CA THR C 76 9.30 2.92 -18.48
C THR C 76 8.83 1.57 -18.89
N ALA C 77 7.68 1.17 -18.42
CA ALA C 77 7.18 -0.10 -18.84
C ALA C 77 6.16 0.28 -19.83
N ASN C 78 6.37 -0.14 -21.05
CA ASN C 78 5.45 0.20 -22.11
C ASN C 78 4.04 -0.35 -22.14
N GLY C 79 3.83 -1.58 -21.72
CA GLY C 79 2.50 -2.11 -21.92
C GLY C 79 1.33 -1.38 -21.29
N SER C 80 1.36 -1.05 -20.02
CA SER C 80 0.30 -0.25 -19.42
C SER C 80 0.89 0.11 -18.15
N CYS C 81 0.84 -0.86 -17.26
CA CYS C 81 1.33 -0.72 -15.93
C CYS C 81 2.15 -1.88 -15.57
N ASP C 82 3.44 -1.69 -15.29
CA ASP C 82 4.31 -2.78 -14.89
C ASP C 82 5.34 -2.42 -13.82
N PRO C 83 6.29 -1.57 -14.18
CA PRO C 83 7.52 -0.84 -13.83
C PRO C 83 8.64 -1.83 -13.53
N SER C 84 9.83 -1.73 -14.10
CA SER C 84 10.85 -2.70 -13.72
C SER C 84 12.24 -2.12 -13.63
N VAL C 85 13.05 -2.51 -12.67
CA VAL C 85 14.38 -1.92 -12.61
C VAL C 85 15.19 -2.30 -13.80
N THR C 86 15.99 -1.40 -14.31
CA THR C 86 16.76 -1.75 -15.46
C THR C 86 18.21 -1.84 -15.16
N ARG C 87 18.84 -0.69 -15.13
CA ARG C 87 20.25 -0.66 -14.92
C ARG C 87 20.59 -0.06 -13.61
N GLN C 88 21.73 -0.48 -13.16
CA GLN C 88 22.31 -0.07 -11.89
C GLN C 88 23.41 0.93 -12.20
N ALA C 89 23.82 1.68 -11.18
CA ALA C 89 25.00 2.54 -11.31
C ALA C 89 25.67 2.62 -9.95
N TYR C 90 26.62 1.75 -9.71
CA TYR C 90 27.23 1.67 -8.39
C TYR C 90 28.24 2.78 -8.21
N ALA C 91 28.65 3.01 -6.97
CA ALA C 91 29.72 3.93 -6.63
C ALA C 91 30.27 3.53 -5.28
N ASP C 92 31.59 3.58 -5.16
CA ASP C 92 32.26 3.12 -3.96
C ASP C 92 33.35 4.12 -3.59
N VAL C 93 33.46 4.40 -2.30
CA VAL C 93 34.54 5.21 -1.75
C VAL C 93 35.05 4.48 -0.51
N THR C 94 36.37 4.29 -0.41
CA THR C 94 36.92 3.51 0.68
C THR C 94 38.21 4.15 1.23
N PHE C 95 38.10 4.76 2.40
CA PHE C 95 39.27 5.29 3.08
C PHE C 95 39.87 4.23 4.00
N SER C 96 41.19 4.28 4.13
CA SER C 96 41.94 3.27 4.86
C SER C 96 42.86 3.92 5.88
N PHE C 97 42.28 4.80 6.68
CA PHE C 97 43.05 5.65 7.60
C PHE C 97 43.71 4.81 8.69
N THR C 98 44.94 5.19 9.01
CA THR C 98 45.70 4.42 9.98
C THR C 98 45.40 4.90 11.40
N GLN C 99 46.11 4.30 12.36
CA GLN C 99 45.82 4.55 13.76
C GLN C 99 46.33 5.92 14.21
N TYR C 100 47.58 6.24 13.91
CA TYR C 100 48.18 7.45 14.44
C TYR C 100 48.00 8.65 13.54
N SER C 101 47.00 8.64 12.66
CA SER C 101 46.78 9.78 11.78
C SER C 101 46.15 10.93 12.55
N THR C 102 46.55 12.14 12.22
CA THR C 102 45.86 13.31 12.76
C THR C 102 44.68 13.67 11.89
N ASP C 103 43.85 14.58 12.39
CA ASP C 103 42.63 14.93 11.67
C ASP C 103 42.91 15.91 10.54
N GLU C 104 44.05 16.61 10.60
CA GLU C 104 44.40 17.54 9.53
C GLU C 104 44.63 16.81 8.22
N GLU C 105 45.41 15.73 8.25
CA GLU C 105 45.70 15.01 7.02
C GLU C 105 44.50 14.20 6.55
N ARG C 106 43.63 13.79 7.49
CA ARG C 106 42.40 13.12 7.09
C ARG C 106 41.46 14.06 6.37
N ALA C 107 41.28 15.27 6.91
CA ALA C 107 40.44 16.26 6.23
C ALA C 107 41.11 16.73 4.95
N PHE C 108 42.43 16.68 4.90
CA PHE C 108 43.16 17.00 3.67
C PHE C 108 42.86 15.99 2.58
N VAL C 109 42.80 14.70 2.93
CA VAL C 109 42.44 13.65 1.97
C VAL C 109 41.01 13.84 1.49
N ARG C 110 40.09 14.15 2.40
CA ARG C 110 38.69 14.29 2.02
C ARG C 110 38.48 15.51 1.12
N THR C 111 39.09 16.65 1.47
CA THR C 111 38.98 17.85 0.66
C THR C 111 39.66 17.66 -0.70
N GLU C 112 40.78 16.94 -0.71
CA GLU C 112 41.49 16.64 -1.95
C GLU C 112 40.63 15.79 -2.87
N LEU C 113 39.92 14.81 -2.31
CA LEU C 113 39.08 13.95 -3.13
C LEU C 113 37.90 14.72 -3.69
N ALA C 114 37.34 15.64 -2.90
CA ALA C 114 36.23 16.46 -3.39
C ALA C 114 36.67 17.39 -4.52
N ALA C 115 37.80 18.08 -4.32
CA ALA C 115 38.28 19.01 -5.33
C ALA C 115 38.75 18.29 -6.59
N LEU C 116 39.23 17.06 -6.43
CA LEU C 116 39.61 16.31 -7.62
C LEU C 116 38.39 15.75 -8.34
N LEU C 117 37.29 15.50 -7.62
CA LEU C 117 36.04 15.17 -8.28
C LEU C 117 35.45 16.36 -9.03
N ALA C 118 35.82 17.58 -8.64
CA ALA C 118 35.34 18.75 -9.37
C ALA C 118 36.29 19.20 -10.48
N SER C 119 37.40 18.51 -10.71
CA SER C 119 38.38 18.91 -11.70
C SER C 119 37.83 18.70 -13.11
N PRO C 120 38.33 19.44 -14.11
CA PRO C 120 37.87 19.21 -15.48
C PRO C 120 38.35 17.89 -16.06
N LEU C 121 39.52 17.43 -15.62
CA LEU C 121 40.08 16.18 -16.14
C LEU C 121 39.23 14.99 -15.74
N LEU C 122 38.69 15.01 -14.52
CA LEU C 122 37.97 13.83 -14.07
C LEU C 122 36.57 13.78 -14.63
N ILE C 123 35.95 14.93 -14.88
CA ILE C 123 34.65 14.90 -15.57
C ILE C 123 34.85 14.66 -17.05
N ASP C 124 36.04 14.91 -17.58
CA ASP C 124 36.36 14.41 -18.91
C ASP C 124 36.42 12.89 -18.91
N ALA C 125 36.99 12.31 -17.85
CA ALA C 125 37.18 10.87 -17.83
C ALA C 125 35.88 10.13 -17.54
N ILE C 126 35.02 10.69 -16.68
CA ILE C 126 33.86 9.95 -16.19
C ILE C 126 32.62 10.26 -17.00
N ASP C 127 32.32 11.55 -17.21
CA ASP C 127 31.05 11.92 -17.82
C ASP C 127 31.04 11.62 -19.31
N GLN C 128 32.21 11.44 -19.92
CA GLN C 128 32.28 11.17 -21.35
C GLN C 128 32.99 9.85 -21.65
N LEU C 129 33.46 9.14 -20.62
CA LEU C 129 34.09 7.82 -20.69
C LEU C 129 35.35 7.82 -21.52
N ASN C 130 36.03 8.96 -21.63
CA ASN C 130 37.30 8.99 -22.33
C ASN C 130 38.41 8.48 -21.42
N PRO C 131 39.40 7.80 -21.96
CA PRO C 131 40.61 7.50 -21.18
C PRO C 131 41.42 8.76 -20.92
N ALA C 132 42.44 8.61 -20.09
CA ALA C 132 43.14 9.75 -19.52
C ALA C 132 43.97 10.49 -20.56
N TYR C 133 44.00 11.81 -20.43
CA TYR C 133 44.78 12.68 -21.32
C TYR C 133 45.21 13.95 -20.60
N ALA D 2 -18.49 -26.63 12.26
CA ALA D 2 -17.70 -25.87 11.30
C ALA D 2 -18.59 -24.91 10.53
N LYS D 3 -19.12 -23.90 11.21
CA LYS D 3 -20.04 -22.96 10.58
C LYS D 3 -19.28 -21.99 9.69
N LEU D 4 -19.91 -21.58 8.60
CA LEU D 4 -19.33 -20.62 7.68
C LEU D 4 -20.42 -19.68 7.19
N GLU D 5 -19.98 -18.50 6.75
CA GLU D 5 -20.88 -17.47 6.24
C GLU D 5 -20.06 -16.49 5.44
N THR D 6 -20.76 -15.69 4.64
CA THR D 6 -20.11 -14.59 3.94
C THR D 6 -19.71 -13.52 4.96
N VAL D 7 -18.40 -13.33 5.12
CA VAL D 7 -17.87 -12.45 6.14
C VAL D 7 -17.50 -11.13 5.50
N THR D 8 -18.02 -10.05 6.05
CA THR D 8 -17.62 -8.71 5.63
C THR D 8 -16.52 -8.21 6.55
N LEU D 9 -15.55 -7.54 5.95
CA LEU D 9 -14.48 -6.89 6.69
C LEU D 9 -14.65 -5.38 6.57
N GLY D 10 -14.83 -4.72 7.71
CA GLY D 10 -15.16 -3.32 7.72
C GLY D 10 -14.02 -2.48 8.25
N ASN D 11 -13.74 -1.38 7.53
CA ASN D 11 -12.69 -0.41 7.84
C ASN D 11 -11.31 -1.06 7.87
N ILE D 12 -10.96 -1.74 6.77
CA ILE D 12 -9.60 -2.21 6.55
C ILE D 12 -9.11 -1.57 5.27
N GLY D 13 -8.02 -0.84 5.38
CA GLY D 13 -7.41 -0.19 4.23
C GLY D 13 -6.26 0.67 4.69
N LYS D 14 -5.68 1.38 3.74
CA LYS D 14 -4.62 2.33 4.06
C LYS D 14 -5.19 3.51 4.84
N ASP D 15 -6.43 3.89 4.51
CA ASP D 15 -7.10 4.95 5.24
C ASP D 15 -8.03 4.43 6.32
N GLY D 16 -8.61 3.24 6.13
CA GLY D 16 -9.65 2.74 6.99
C GLY D 16 -11.05 2.95 6.48
N LYS D 17 -11.20 3.30 5.20
CA LYS D 17 -12.53 3.50 4.66
C LYS D 17 -12.99 2.34 3.80
N GLN D 18 -12.08 1.47 3.39
CA GLN D 18 -12.45 0.41 2.47
C GLN D 18 -13.13 -0.74 3.21
N THR D 19 -13.97 -1.46 2.48
CA THR D 19 -14.60 -2.67 2.98
C THR D 19 -14.29 -3.82 2.05
N LEU D 20 -14.38 -5.03 2.58
CA LEU D 20 -14.09 -6.24 1.83
C LEU D 20 -15.20 -7.24 2.09
N VAL D 21 -15.54 -8.03 1.09
CA VAL D 21 -16.54 -9.09 1.24
C VAL D 21 -15.86 -10.41 0.93
N LEU D 22 -16.17 -11.44 1.70
CA LEU D 22 -15.61 -12.77 1.50
C LEU D 22 -16.72 -13.79 1.54
N ASN D 23 -16.65 -14.79 0.66
CA ASN D 23 -17.62 -15.87 0.68
C ASN D 23 -16.92 -17.20 0.94
N PRO D 24 -17.59 -18.14 1.61
CA PRO D 24 -16.94 -19.40 1.94
C PRO D 24 -16.87 -20.33 0.75
N ARG D 25 -15.79 -21.09 0.67
CA ARG D 25 -15.58 -22.05 -0.40
C ARG D 25 -15.09 -23.38 0.13
N GLY D 26 -15.76 -23.89 1.16
CA GLY D 26 -15.69 -25.31 1.46
C GLY D 26 -14.51 -25.72 2.30
N VAL D 27 -14.78 -26.66 3.21
CA VAL D 27 -13.75 -27.24 4.06
C VAL D 27 -13.06 -28.35 3.29
N ASN D 28 -11.74 -28.29 3.21
CA ASN D 28 -10.96 -29.37 2.62
C ASN D 28 -10.72 -30.44 3.68
N PRO D 29 -11.24 -31.65 3.51
CA PRO D 29 -11.09 -32.66 4.56
C PRO D 29 -9.74 -33.36 4.56
N THR D 30 -8.83 -32.99 3.66
CA THR D 30 -7.51 -33.62 3.65
C THR D 30 -6.69 -33.20 4.86
N ASN D 31 -6.69 -31.91 5.17
CA ASN D 31 -5.86 -31.37 6.24
C ASN D 31 -6.57 -30.31 7.07
N GLY D 32 -7.90 -30.36 7.15
CA GLY D 32 -8.64 -29.46 8.01
C GLY D 32 -8.67 -28.02 7.57
N VAL D 33 -8.24 -27.72 6.36
CA VAL D 33 -8.12 -26.34 5.92
C VAL D 33 -9.48 -25.80 5.53
N ALA D 34 -10.00 -24.86 6.33
CA ALA D 34 -11.21 -24.15 5.97
C ALA D 34 -10.83 -22.87 5.24
N SER D 35 -11.31 -22.73 4.01
CA SER D 35 -10.93 -21.59 3.20
C SER D 35 -12.08 -20.61 3.06
N LEU D 36 -11.74 -19.34 2.97
CA LEU D 36 -12.65 -18.29 2.58
C LEU D 36 -11.99 -17.58 1.40
N SER D 37 -12.80 -17.02 0.51
CA SER D 37 -12.20 -16.39 -0.65
C SER D 37 -12.96 -15.12 -0.99
N GLN D 38 -12.48 -14.44 -2.02
CA GLN D 38 -13.11 -13.24 -2.52
C GLN D 38 -13.86 -13.61 -3.79
N ALA D 39 -15.01 -12.96 -4.01
CA ALA D 39 -15.92 -13.37 -5.07
C ALA D 39 -15.38 -12.98 -6.45
N GLY D 40 -14.59 -13.89 -7.01
CA GLY D 40 -14.03 -13.65 -8.33
C GLY D 40 -14.26 -14.84 -9.24
N ALA D 41 -14.12 -14.60 -10.54
CA ALA D 41 -14.26 -15.68 -11.50
C ALA D 41 -12.95 -16.44 -11.67
N VAL D 42 -11.84 -15.72 -11.78
CA VAL D 42 -10.53 -16.32 -11.98
C VAL D 42 -10.12 -17.00 -10.66
N PRO D 43 -9.71 -18.26 -10.69
CA PRO D 43 -9.26 -18.91 -9.45
C PRO D 43 -7.83 -18.57 -9.05
N ALA D 44 -7.15 -17.68 -9.78
CA ALA D 44 -5.78 -17.33 -9.45
C ALA D 44 -5.57 -15.84 -9.29
N LEU D 45 -6.62 -15.03 -9.38
CA LEU D 45 -6.52 -13.59 -9.19
C LEU D 45 -7.47 -13.13 -8.09
N GLU D 46 -7.49 -13.84 -6.97
CA GLU D 46 -8.43 -13.55 -5.91
C GLU D 46 -7.74 -13.62 -4.55
N LYS D 47 -8.07 -12.67 -3.70
CA LYS D 47 -7.55 -12.67 -2.34
C LYS D 47 -8.20 -13.79 -1.55
N ARG D 48 -7.40 -14.57 -0.84
CA ARG D 48 -7.93 -15.73 -0.13
C ARG D 48 -7.35 -15.82 1.27
N VAL D 49 -8.15 -16.37 2.16
CA VAL D 49 -7.83 -16.48 3.58
C VAL D 49 -8.11 -17.90 4.03
N THR D 50 -7.08 -18.60 4.47
CA THR D 50 -7.27 -19.95 4.97
C THR D 50 -7.06 -19.97 6.48
N VAL D 51 -7.78 -20.86 7.15
CA VAL D 51 -7.69 -21.02 8.60
C VAL D 51 -7.82 -22.50 8.92
N SER D 52 -7.02 -22.99 9.87
CA SER D 52 -7.01 -24.42 10.14
C SER D 52 -6.65 -24.69 11.58
N VAL D 53 -7.66 -24.90 12.43
CA VAL D 53 -7.40 -25.42 13.76
C VAL D 53 -6.93 -26.88 13.64
N SER D 54 -6.05 -27.28 14.55
CA SER D 54 -5.43 -28.60 14.49
C SER D 54 -5.74 -29.37 15.77
N GLN D 55 -5.12 -30.54 15.88
CA GLN D 55 -5.32 -31.46 16.98
C GLN D 55 -3.96 -31.98 17.44
N PRO D 56 -3.84 -32.38 18.71
CA PRO D 56 -2.56 -32.92 19.16
C PRO D 56 -2.44 -34.42 18.96
N SER D 57 -1.36 -34.84 18.31
CA SER D 57 -1.01 -36.25 18.30
C SER D 57 -0.03 -36.53 19.45
N ARG D 58 0.58 -37.70 19.42
CA ARG D 58 1.65 -38.00 20.37
C ARG D 58 3.00 -37.48 19.86
N ASN D 59 3.01 -36.80 18.72
CA ASN D 59 4.24 -36.25 18.20
C ASN D 59 4.55 -34.89 18.81
N ARG D 60 3.58 -33.97 18.77
CA ARG D 60 3.89 -32.58 19.10
C ARG D 60 3.25 -32.13 20.41
N LYS D 61 2.06 -32.67 20.74
CA LYS D 61 1.35 -32.50 22.00
C LYS D 61 1.03 -31.02 22.31
N ASN D 62 0.34 -30.34 21.42
CA ASN D 62 -0.06 -28.94 21.56
C ASN D 62 -1.08 -28.60 20.49
N TYR D 63 -1.92 -27.60 20.76
CA TYR D 63 -2.77 -27.10 19.69
C TYR D 63 -1.94 -26.21 18.78
N LYS D 64 -2.33 -26.14 17.51
CA LYS D 64 -1.56 -25.38 16.56
C LYS D 64 -2.53 -24.70 15.59
N VAL D 65 -2.92 -23.47 15.92
CA VAL D 65 -3.85 -22.74 15.08
C VAL D 65 -3.07 -21.96 14.03
N GLN D 66 -3.50 -22.04 12.79
CA GLN D 66 -2.76 -21.38 11.73
C GLN D 66 -3.71 -20.66 10.79
N VAL D 67 -3.35 -19.42 10.45
CA VAL D 67 -4.11 -18.59 9.53
C VAL D 67 -3.16 -18.09 8.46
N LYS D 68 -3.49 -18.35 7.20
CA LYS D 68 -2.72 -17.81 6.09
C LYS D 68 -3.57 -16.83 5.31
N ILE D 69 -2.93 -15.79 4.80
CA ILE D 69 -3.57 -14.80 3.94
C ILE D 69 -2.69 -14.67 2.70
N GLN D 70 -3.31 -14.72 1.53
CA GLN D 70 -2.54 -14.65 0.31
C GLN D 70 -3.16 -13.61 -0.63
N ASN D 71 -2.53 -12.46 -0.74
CA ASN D 71 -3.04 -11.42 -1.61
C ASN D 71 -2.20 -11.34 -2.87
N PRO D 72 -2.82 -11.40 -4.03
CA PRO D 72 -1.99 -11.33 -5.20
C PRO D 72 -2.44 -10.21 -6.01
N THR D 73 -1.55 -9.36 -6.46
CA THR D 73 -2.00 -8.26 -7.26
C THR D 73 -1.49 -8.45 -8.61
N ALA D 74 -2.40 -8.51 -9.55
CA ALA D 74 -2.10 -8.73 -10.92
C ALA D 74 -1.72 -7.52 -11.60
N CYS D 75 -1.21 -7.68 -12.78
CA CYS D 75 -0.88 -6.54 -13.57
C CYS D 75 -1.56 -6.76 -14.89
N THR D 76 -1.82 -5.69 -15.59
CA THR D 76 -2.59 -5.74 -16.81
C THR D 76 -1.86 -6.09 -18.07
N ALA D 77 -2.30 -5.51 -19.16
CA ALA D 77 -1.76 -5.79 -20.44
C ALA D 77 -0.28 -5.56 -20.50
N ASN D 78 0.38 -6.52 -21.14
CA ASN D 78 1.82 -6.52 -21.37
C ASN D 78 2.05 -6.65 -22.85
N GLY D 79 1.23 -5.93 -23.61
CA GLY D 79 1.26 -6.00 -25.05
C GLY D 79 0.16 -6.92 -25.57
N SER D 80 -0.68 -7.41 -24.68
CA SER D 80 -1.80 -8.27 -25.02
C SER D 80 -2.84 -8.14 -23.90
N CYS D 81 -4.13 -8.39 -24.14
CA CYS D 81 -5.07 -8.23 -23.03
C CYS D 81 -5.21 -9.55 -22.32
N ASP D 82 -4.39 -9.80 -21.30
CA ASP D 82 -4.45 -11.08 -20.59
C ASP D 82 -4.69 -11.14 -19.07
N PRO D 83 -4.58 -10.03 -18.37
CA PRO D 83 -4.67 -9.89 -16.93
C PRO D 83 -3.91 -10.96 -16.21
N SER D 84 -2.61 -11.12 -16.43
CA SER D 84 -1.83 -12.14 -15.75
C SER D 84 -1.30 -11.74 -14.39
N VAL D 85 -0.95 -12.70 -13.55
CA VAL D 85 -0.48 -12.41 -12.20
C VAL D 85 0.96 -11.93 -12.14
N THR D 86 1.33 -11.14 -11.14
CA THR D 86 2.70 -10.67 -11.06
C THR D 86 3.34 -10.87 -9.70
N ARG D 87 2.73 -10.37 -8.64
CA ARG D 87 3.38 -10.38 -7.33
C ARG D 87 2.48 -11.05 -6.31
N GLN D 88 3.11 -11.68 -5.33
CA GLN D 88 2.42 -12.30 -4.21
C GLN D 88 2.63 -11.42 -3.00
N ALA D 89 1.80 -11.61 -1.98
CA ALA D 89 2.02 -10.96 -0.69
C ALA D 89 1.49 -11.88 0.39
N TYR D 90 2.36 -12.73 0.93
CA TYR D 90 1.91 -13.73 1.88
C TYR D 90 1.72 -13.10 3.25
N ALA D 91 1.04 -13.83 4.13
CA ALA D 91 0.88 -13.45 5.52
C ALA D 91 0.58 -14.71 6.32
N ASP D 92 1.20 -14.82 7.49
CA ASP D 92 1.07 -16.02 8.30
C ASP D 92 0.86 -15.60 9.74
N VAL D 93 -0.05 -16.31 10.42
CA VAL D 93 -0.26 -16.17 11.85
C VAL D 93 -0.35 -17.58 12.43
N THR D 94 0.42 -17.84 13.50
CA THR D 94 0.48 -19.20 14.05
C THR D 94 0.48 -19.18 15.58
N PHE D 95 -0.66 -19.56 16.15
CA PHE D 95 -0.74 -19.70 17.59
C PHE D 95 -0.39 -21.12 18.00
N SER D 96 0.22 -21.26 19.18
CA SER D 96 0.75 -22.52 19.65
C SER D 96 0.24 -22.80 21.06
N PHE D 97 -1.08 -22.71 21.23
CA PHE D 97 -1.71 -22.78 22.54
C PHE D 97 -1.55 -24.16 23.16
N THR D 98 -1.30 -24.18 24.46
CA THR D 98 -1.06 -25.44 25.13
C THR D 98 -2.37 -26.07 25.58
N GLN D 99 -2.24 -27.20 26.28
CA GLN D 99 -3.41 -27.99 26.65
C GLN D 99 -4.19 -27.35 27.78
N TYR D 100 -3.51 -26.97 28.86
CA TYR D 100 -4.20 -26.50 30.05
C TYR D 100 -4.42 -25.00 30.06
N SER D 101 -4.41 -24.35 28.91
CA SER D 101 -4.63 -22.91 28.87
C SER D 101 -6.10 -22.60 29.07
N THR D 102 -6.37 -21.51 29.79
CA THR D 102 -7.73 -21.03 29.88
C THR D 102 -8.04 -20.09 28.72
N ASP D 103 -9.32 -19.76 28.57
CA ASP D 103 -9.73 -18.94 27.44
C ASP D 103 -9.43 -17.47 27.66
N GLU D 104 -9.25 -17.06 28.92
CA GLU D 104 -8.92 -15.67 29.21
C GLU D 104 -7.57 -15.29 28.64
N GLU D 105 -6.55 -16.12 28.86
CA GLU D 105 -5.22 -15.80 28.36
C GLU D 105 -5.13 -15.99 26.86
N ARG D 106 -5.94 -16.89 26.30
CA ARG D 106 -5.98 -17.05 24.86
C ARG D 106 -6.58 -15.82 24.19
N ALA D 107 -7.70 -15.32 24.71
CA ALA D 107 -8.28 -14.10 24.18
C ALA D 107 -7.40 -12.89 24.46
N PHE D 108 -6.62 -12.96 25.54
CA PHE D 108 -5.65 -11.92 25.84
C PHE D 108 -4.57 -11.86 24.78
N VAL D 109 -4.08 -13.03 24.34
CA VAL D 109 -3.09 -13.09 23.27
C VAL D 109 -3.66 -12.55 21.96
N ARG D 110 -4.91 -12.92 21.65
CA ARG D 110 -5.50 -12.48 20.39
C ARG D 110 -5.77 -10.98 20.38
N THR D 111 -6.28 -10.44 21.49
CA THR D 111 -6.53 -9.00 21.58
C THR D 111 -5.22 -8.24 21.60
N GLU D 112 -4.19 -8.79 22.24
CA GLU D 112 -2.87 -8.18 22.26
C GLU D 112 -2.27 -8.10 20.86
N LEU D 113 -2.45 -9.16 20.07
CA LEU D 113 -1.91 -9.17 18.72
C LEU D 113 -2.64 -8.16 17.84
N ALA D 114 -3.94 -8.03 18.03
CA ALA D 114 -4.71 -7.06 17.25
C ALA D 114 -4.31 -5.62 17.60
N ALA D 115 -4.20 -5.32 18.89
CA ALA D 115 -3.85 -3.97 19.31
C ALA D 115 -2.41 -3.64 18.96
N LEU D 116 -1.54 -4.65 18.92
CA LEU D 116 -0.17 -4.38 18.51
C LEU D 116 -0.07 -4.21 17.00
N LEU D 117 -0.97 -4.85 16.23
CA LEU D 117 -1.05 -4.56 14.82
C LEU D 117 -1.58 -3.16 14.54
N ALA D 118 -2.31 -2.57 15.47
CA ALA D 118 -2.78 -1.20 15.30
C ALA D 118 -1.83 -0.15 15.85
N SER D 119 -0.70 -0.54 16.43
CA SER D 119 0.22 0.38 17.06
C SER D 119 0.93 1.24 16.00
N PRO D 120 1.38 2.45 16.37
CA PRO D 120 2.12 3.26 15.38
C PRO D 120 3.49 2.70 15.05
N LEU D 121 4.11 2.00 16.01
CA LEU D 121 5.44 1.44 15.78
C LEU D 121 5.41 0.36 14.72
N LEU D 122 4.36 -0.46 14.72
CA LEU D 122 4.35 -1.58 13.81
C LEU D 122 3.97 -1.16 12.39
N ILE D 123 3.13 -0.13 12.26
CA ILE D 123 2.88 0.38 10.92
C ILE D 123 4.05 1.25 10.44
N ASP D 124 4.87 1.73 11.37
CA ASP D 124 6.15 2.29 10.95
C ASP D 124 7.05 1.19 10.38
N ALA D 125 7.03 0.01 11.00
CA ALA D 125 7.93 -1.05 10.58
C ALA D 125 7.46 -1.71 9.30
N ILE D 126 6.15 -1.87 9.12
CA ILE D 126 5.63 -2.68 8.02
C ILE D 126 5.30 -1.83 6.80
N ASP D 127 4.53 -0.76 7.00
CA ASP D 127 4.02 0.00 5.86
C ASP D 127 5.11 0.82 5.18
N GLN D 128 6.21 1.05 5.88
CA GLN D 128 7.29 1.85 5.32
C GLN D 128 8.62 1.09 5.27
N LEU D 129 8.55 -0.13 5.76
CA LEU D 129 9.63 -1.05 5.82
C LEU D 129 10.84 -0.57 6.56
N ASN D 130 10.77 0.51 7.32
CA ASN D 130 11.97 0.92 8.04
C ASN D 130 12.20 0.00 9.19
N PRO D 131 13.39 -0.50 9.34
CA PRO D 131 13.63 -1.37 10.48
C PRO D 131 13.56 -0.59 11.72
N ALA D 132 13.02 -1.20 12.75
CA ALA D 132 12.94 -0.53 14.02
C ALA D 132 13.89 -1.18 14.99
N LYS E 3 13.02 4.47 15.62
CA LYS E 3 12.71 4.94 16.96
C LYS E 3 12.10 3.86 17.79
N LEU E 4 11.99 4.13 19.07
CA LEU E 4 11.38 3.22 20.00
C LEU E 4 10.56 4.06 20.95
N GLU E 5 9.58 3.44 21.58
CA GLU E 5 8.77 4.21 22.47
C GLU E 5 8.13 3.33 23.48
N THR E 6 7.69 3.93 24.55
CA THR E 6 6.95 3.16 25.47
C THR E 6 5.68 2.97 24.70
N VAL E 7 5.21 1.74 24.60
CA VAL E 7 3.99 1.44 23.86
C VAL E 7 2.94 0.93 24.78
N THR E 8 1.75 1.47 24.67
CA THR E 8 0.73 0.97 25.54
C THR E 8 -0.50 0.44 24.82
N LEU E 9 -0.84 -0.79 25.12
CA LEU E 9 -1.99 -1.40 24.55
C LEU E 9 -3.16 -0.77 25.21
N GLY E 10 -4.18 -0.50 24.44
CA GLY E 10 -5.39 0.09 24.98
C GLY E 10 -6.60 -0.77 24.64
N ASN E 11 -7.51 -0.88 25.60
CA ASN E 11 -8.75 -1.60 25.41
C ASN E 11 -8.53 -3.00 24.90
N ILE E 12 -7.73 -3.78 25.59
CA ILE E 12 -7.48 -5.13 25.12
C ILE E 12 -7.60 -6.15 26.19
N GLY E 13 -8.42 -7.14 25.95
CA GLY E 13 -8.62 -8.18 26.91
C GLY E 13 -9.79 -9.04 26.48
N LYS E 14 -10.23 -9.93 27.35
CA LYS E 14 -11.35 -10.77 27.03
C LYS E 14 -12.56 -9.90 26.86
N ASP E 15 -12.75 -9.00 27.79
CA ASP E 15 -13.85 -8.08 27.69
C ASP E 15 -13.38 -6.76 27.13
N GLY E 16 -12.08 -6.61 26.93
CA GLY E 16 -11.54 -5.37 26.42
C GLY E 16 -11.30 -4.30 27.45
N LYS E 17 -11.55 -4.56 28.71
CA LYS E 17 -11.29 -3.53 29.68
C LYS E 17 -9.87 -3.45 30.17
N GLN E 18 -9.06 -4.46 29.88
CA GLN E 18 -7.67 -4.42 30.30
C GLN E 18 -6.83 -3.52 29.43
N THR E 19 -5.67 -3.15 29.94
CA THR E 19 -4.73 -2.32 29.23
C THR E 19 -3.35 -2.84 29.50
N LEU E 20 -2.44 -2.61 28.58
CA LEU E 20 -1.09 -3.10 28.74
C LEU E 20 -0.11 -2.04 28.37
N VAL E 21 1.09 -2.07 28.91
CA VAL E 21 2.07 -1.07 28.52
C VAL E 21 3.48 -1.64 28.47
N LEU E 22 4.31 -1.17 27.55
CA LEU E 22 5.65 -1.73 27.39
C LEU E 22 6.75 -0.71 27.32
N ASN E 23 7.98 -1.09 27.62
CA ASN E 23 9.12 -0.20 27.45
C ASN E 23 10.10 -1.06 26.78
N PRO E 24 10.59 -0.67 25.62
CA PRO E 24 11.48 -1.51 24.84
C PRO E 24 12.72 -1.91 25.56
N ARG E 25 13.17 -3.16 25.46
CA ARG E 25 14.38 -3.59 26.15
C ARG E 25 15.59 -3.45 25.30
N GLY E 26 15.41 -2.98 24.08
CA GLY E 26 16.53 -2.73 23.19
C GLY E 26 16.93 -3.78 22.18
N VAL E 27 17.45 -3.37 21.03
CA VAL E 27 17.77 -4.30 19.99
C VAL E 27 18.84 -5.24 20.36
N ASN E 28 18.75 -6.49 19.94
CA ASN E 28 19.86 -7.37 20.20
C ASN E 28 20.66 -7.29 18.95
N PRO E 29 21.91 -6.91 19.07
CA PRO E 29 22.78 -6.69 17.94
C PRO E 29 23.02 -7.92 17.12
N THR E 30 23.11 -9.09 17.71
CA THR E 30 23.48 -10.23 16.91
C THR E 30 22.57 -10.59 15.76
N ASN E 31 21.26 -10.55 15.96
CA ASN E 31 20.42 -10.93 14.86
C ASN E 31 19.50 -9.84 14.42
N GLY E 32 19.43 -8.77 15.19
CA GLY E 32 18.53 -7.68 14.90
C GLY E 32 17.14 -7.76 15.51
N VAL E 33 16.91 -8.76 16.34
CA VAL E 33 15.63 -8.88 16.98
C VAL E 33 15.43 -7.64 17.84
N ALA E 34 14.29 -6.99 17.77
CA ALA E 34 14.04 -5.78 18.57
C ALA E 34 13.07 -6.11 19.60
N SER E 35 13.46 -6.12 20.85
CA SER E 35 12.53 -6.59 21.84
C SER E 35 11.91 -5.67 22.82
N LEU E 36 10.60 -5.60 22.75
CA LEU E 36 9.83 -4.86 23.70
C LEU E 36 9.59 -5.77 24.87
N SER E 37 9.16 -5.21 25.97
CA SER E 37 8.88 -6.01 27.13
C SER E 37 7.87 -5.28 27.98
N GLN E 38 7.16 -5.97 28.84
CA GLN E 38 6.20 -5.27 29.64
C GLN E 38 6.82 -5.32 30.99
N ALA E 39 7.00 -4.19 31.66
CA ALA E 39 7.68 -4.28 32.93
C ALA E 39 6.99 -5.11 33.99
N GLY E 40 7.70 -6.16 34.38
CA GLY E 40 7.34 -7.12 35.40
C GLY E 40 8.66 -7.35 36.10
N ALA E 41 8.63 -7.33 37.42
CA ALA E 41 9.86 -7.38 38.18
C ALA E 41 10.73 -8.59 37.97
N VAL E 42 10.12 -9.74 37.81
CA VAL E 42 10.90 -10.93 37.69
C VAL E 42 11.77 -10.95 36.47
N PRO E 43 12.94 -11.58 36.59
CA PRO E 43 13.78 -11.69 35.42
C PRO E 43 13.03 -12.48 34.36
N ALA E 44 12.33 -13.56 34.68
CA ALA E 44 11.62 -14.34 33.66
C ALA E 44 10.07 -14.46 33.54
N LEU E 45 9.24 -13.76 34.29
CA LEU E 45 7.80 -13.96 34.09
C LEU E 45 7.18 -13.00 33.12
N GLU E 46 7.96 -12.08 32.64
CA GLU E 46 7.43 -11.06 31.81
C GLU E 46 6.90 -11.45 30.45
N LYS E 47 5.74 -10.92 30.11
CA LYS E 47 5.21 -11.14 28.79
C LYS E 47 6.12 -10.37 27.90
N ARG E 48 6.58 -10.89 26.80
CA ARG E 48 7.47 -10.12 25.98
C ARG E 48 7.09 -10.18 24.56
N VAL E 49 7.43 -9.19 23.76
CA VAL E 49 7.04 -9.26 22.37
C VAL E 49 8.18 -8.89 21.52
N THR E 50 8.62 -9.69 20.57
CA THR E 50 9.77 -9.28 19.77
C THR E 50 9.56 -9.20 18.28
N VAL E 51 9.89 -8.11 17.61
CA VAL E 51 9.73 -8.03 16.16
C VAL E 51 10.96 -7.58 15.46
N SER E 52 11.49 -8.31 14.49
CA SER E 52 12.66 -7.85 13.74
C SER E 52 12.55 -8.02 12.24
N VAL E 53 12.64 -6.97 11.45
CA VAL E 53 12.47 -7.07 10.01
C VAL E 53 13.72 -7.20 9.23
N SER E 54 13.88 -8.21 8.43
CA SER E 54 15.08 -8.41 7.64
C SER E 54 15.14 -7.63 6.36
N GLN E 55 16.19 -7.92 5.59
CA GLN E 55 16.45 -7.34 4.28
C GLN E 55 16.73 -8.52 3.35
N PRO E 56 16.40 -8.40 2.06
CA PRO E 56 16.55 -9.61 1.26
C PRO E 56 17.97 -9.96 1.12
N SER E 57 18.28 -11.19 1.46
CA SER E 57 19.62 -11.73 1.40
C SER E 57 19.92 -12.23 0.02
N ARG E 58 21.15 -12.66 -0.20
CA ARG E 58 21.52 -13.14 -1.51
C ARG E 58 20.68 -14.33 -1.92
N ASN E 59 20.40 -15.26 -1.01
CA ASN E 59 19.61 -16.41 -1.35
C ASN E 59 18.14 -16.24 -1.76
N ARG E 60 17.36 -15.37 -1.09
CA ARG E 60 15.91 -15.25 -1.38
C ARG E 60 15.26 -13.99 -1.98
N LYS E 61 15.90 -12.83 -1.83
CA LYS E 61 15.42 -11.56 -2.41
C LYS E 61 14.03 -10.96 -2.14
N ASN E 62 13.52 -11.06 -0.93
CA ASN E 62 12.24 -10.45 -0.62
C ASN E 62 12.17 -10.17 0.84
N TYR E 63 11.59 -9.06 1.23
CA TYR E 63 11.56 -8.71 2.62
C TYR E 63 10.77 -9.66 3.43
N LYS E 64 11.19 -9.89 4.63
CA LYS E 64 10.50 -10.86 5.42
C LYS E 64 10.20 -10.42 6.81
N VAL E 65 9.31 -9.47 7.00
CA VAL E 65 9.04 -8.96 8.32
C VAL E 65 8.53 -10.01 9.19
N GLN E 66 9.05 -10.19 10.37
CA GLN E 66 8.55 -11.25 11.20
C GLN E 66 8.30 -10.80 12.59
N VAL E 67 7.21 -11.16 13.23
CA VAL E 67 6.99 -10.72 14.59
C VAL E 67 6.60 -11.78 15.56
N LYS E 68 7.33 -12.04 16.61
CA LYS E 68 6.86 -13.02 17.57
C LYS E 68 6.07 -12.35 18.66
N ILE E 69 5.43 -13.11 19.54
CA ILE E 69 4.78 -12.55 20.71
C ILE E 69 4.82 -13.73 21.58
N GLN E 70 5.43 -13.71 22.74
CA GLN E 70 5.44 -14.91 23.50
C GLN E 70 5.12 -14.66 24.90
N ASN E 71 3.97 -15.01 25.43
CA ASN E 71 3.75 -14.74 26.84
C ASN E 71 3.36 -15.91 27.66
N PRO E 72 4.12 -16.19 28.69
CA PRO E 72 4.08 -17.27 29.65
C PRO E 72 3.17 -16.96 30.76
N THR E 73 3.18 -17.83 31.76
CA THR E 73 2.35 -17.60 32.92
C THR E 73 2.91 -18.11 34.23
N ALA E 74 2.33 -17.56 35.29
CA ALA E 74 2.72 -17.82 36.66
C ALA E 74 2.21 -19.09 37.17
N CYS E 75 2.72 -19.44 38.34
CA CYS E 75 2.27 -20.62 39.03
C CYS E 75 2.29 -20.30 40.53
N THR E 76 1.53 -21.06 41.30
CA THR E 76 1.36 -20.84 42.73
C THR E 76 2.47 -21.18 43.72
N ALA E 77 2.32 -20.64 44.92
CA ALA E 77 3.28 -20.88 45.99
C ALA E 77 3.30 -22.35 46.36
N ASN E 78 4.49 -22.88 46.51
CA ASN E 78 4.72 -24.28 46.86
C ASN E 78 5.44 -24.34 48.20
N GLY E 79 5.34 -23.27 48.97
CA GLY E 79 6.03 -23.13 50.25
C GLY E 79 7.32 -22.33 50.06
N SER E 80 7.68 -22.07 48.82
CA SER E 80 8.84 -21.29 48.46
C SER E 80 8.33 -20.26 47.47
N CYS E 81 8.57 -18.98 47.71
CA CYS E 81 8.03 -17.99 46.80
C CYS E 81 8.98 -17.74 45.66
N ASP E 82 8.68 -18.37 44.53
CA ASP E 82 9.52 -18.25 43.33
C ASP E 82 8.81 -17.87 42.03
N PRO E 83 7.47 -17.84 42.03
CA PRO E 83 6.70 -17.56 40.85
C PRO E 83 7.16 -18.24 39.60
N SER E 84 7.19 -19.57 39.59
CA SER E 84 7.65 -20.30 38.42
C SER E 84 6.72 -20.23 37.21
N VAL E 85 7.26 -20.60 36.06
CA VAL E 85 6.50 -20.56 34.81
C VAL E 85 6.12 -21.94 34.30
N THR E 86 4.89 -22.08 33.85
CA THR E 86 4.40 -23.34 33.37
C THR E 86 4.02 -23.39 31.90
N ARG E 87 3.06 -22.59 31.49
CA ARG E 87 2.59 -22.71 30.12
C ARG E 87 2.83 -21.51 29.27
N GLN E 88 3.49 -21.75 28.16
CA GLN E 88 3.79 -20.72 27.19
C GLN E 88 2.65 -20.51 26.25
N ALA E 89 2.65 -19.44 25.49
CA ALA E 89 1.58 -19.27 24.54
C ALA E 89 2.06 -18.55 23.33
N TYR E 90 3.04 -19.08 22.64
CA TYR E 90 3.59 -18.35 21.52
C TYR E 90 2.67 -18.03 20.43
N ALA E 91 2.87 -16.92 19.80
CA ALA E 91 2.08 -16.61 18.66
C ALA E 91 3.02 -15.90 17.76
N ASP E 92 3.10 -16.23 16.50
CA ASP E 92 4.01 -15.52 15.65
C ASP E 92 3.30 -14.98 14.46
N VAL E 93 3.79 -13.93 13.83
CA VAL E 93 3.13 -13.44 12.66
C VAL E 93 4.18 -13.17 11.66
N THR E 94 4.06 -13.55 10.40
CA THR E 94 5.13 -13.24 9.47
C THR E 94 4.61 -12.81 8.15
N PHE E 95 5.14 -11.78 7.56
CA PHE E 95 4.69 -11.40 6.24
C PHE E 95 5.84 -11.51 5.28
N SER E 96 5.59 -11.61 4.00
CA SER E 96 6.71 -11.67 3.11
C SER E 96 6.51 -10.95 1.81
N PHE E 97 6.18 -9.69 1.79
CA PHE E 97 5.94 -9.07 0.51
C PHE E 97 7.15 -8.99 -0.31
N THR E 98 6.99 -9.09 -1.61
CA THR E 98 8.10 -9.04 -2.50
C THR E 98 8.61 -7.66 -2.64
N GLN E 99 9.80 -7.56 -3.14
CA GLN E 99 10.44 -6.31 -3.24
C GLN E 99 9.85 -5.24 -4.09
N TYR E 100 9.03 -5.54 -5.06
CA TYR E 100 8.46 -4.46 -5.83
C TYR E 100 7.17 -3.90 -5.34
N SER E 101 6.61 -4.47 -4.31
CA SER E 101 5.32 -4.03 -3.88
C SER E 101 5.25 -2.67 -3.39
N THR E 102 4.24 -1.92 -3.79
CA THR E 102 4.08 -0.56 -3.31
C THR E 102 3.52 -0.48 -1.94
N ASP E 103 3.55 0.68 -1.35
CA ASP E 103 3.05 0.79 -0.04
C ASP E 103 1.61 0.44 0.12
N GLU E 104 0.73 0.80 -0.81
CA GLU E 104 -0.69 0.50 -0.60
C GLU E 104 -0.95 -0.96 -0.48
N GLU E 105 -0.29 -1.75 -1.29
CA GLU E 105 -0.47 -3.14 -1.16
C GLU E 105 0.03 -3.58 0.16
N ARG E 106 1.18 -3.13 0.59
CA ARG E 106 1.69 -3.63 1.84
C ARG E 106 0.86 -3.33 3.01
N ALA E 107 0.35 -2.14 3.15
CA ALA E 107 -0.47 -1.89 4.33
C ALA E 107 -1.75 -2.66 4.38
N PHE E 108 -2.35 -2.88 3.22
CA PHE E 108 -3.63 -3.52 3.11
C PHE E 108 -3.57 -4.84 3.74
N VAL E 109 -2.57 -5.62 3.44
CA VAL E 109 -2.44 -6.88 4.08
C VAL E 109 -2.24 -6.71 5.56
N ARG E 110 -1.47 -5.73 6.01
CA ARG E 110 -1.33 -5.63 7.44
C ARG E 110 -2.61 -5.36 8.10
N THR E 111 -3.39 -4.43 7.58
CA THR E 111 -4.64 -4.09 8.23
C THR E 111 -5.62 -5.18 8.24
N GLU E 112 -5.67 -5.90 7.16
CA GLU E 112 -6.63 -6.97 7.06
C GLU E 112 -6.40 -8.00 8.07
N LEU E 113 -5.16 -8.36 8.32
CA LEU E 113 -4.86 -9.33 9.30
C LEU E 113 -5.32 -8.84 10.63
N ALA E 114 -5.03 -7.60 10.95
CA ALA E 114 -5.43 -7.11 12.22
C ALA E 114 -6.91 -7.11 12.41
N ALA E 115 -7.66 -6.62 11.45
CA ALA E 115 -9.09 -6.56 11.71
C ALA E 115 -9.83 -7.83 11.43
N LEU E 116 -9.17 -8.79 10.82
CA LEU E 116 -9.82 -10.05 10.61
C LEU E 116 -10.04 -10.68 11.93
N LEU E 117 -9.08 -10.60 12.83
CA LEU E 117 -9.16 -11.23 14.13
C LEU E 117 -10.34 -10.79 14.91
N ALA E 118 -10.74 -9.54 14.84
CA ALA E 118 -11.93 -9.13 15.55
C ALA E 118 -13.22 -9.85 15.09
N SER E 119 -13.33 -10.23 13.81
CA SER E 119 -14.52 -10.91 13.32
C SER E 119 -14.77 -12.15 14.12
N PRO E 120 -16.02 -12.48 14.34
CA PRO E 120 -16.44 -13.58 15.18
C PRO E 120 -15.87 -14.89 14.74
N LEU E 121 -15.70 -15.16 13.44
CA LEU E 121 -15.21 -16.41 12.98
C LEU E 121 -13.87 -16.69 13.56
N LEU E 122 -12.98 -15.72 13.55
CA LEU E 122 -11.73 -15.97 14.19
C LEU E 122 -11.96 -16.07 15.66
N ILE E 123 -12.79 -15.20 16.21
CA ILE E 123 -12.96 -15.23 17.64
C ILE E 123 -13.50 -16.50 18.17
N ASP E 124 -14.42 -17.17 17.47
CA ASP E 124 -14.80 -18.43 18.04
C ASP E 124 -13.68 -19.41 17.94
N ALA E 125 -12.98 -19.41 16.82
CA ALA E 125 -11.95 -20.40 16.69
C ALA E 125 -10.90 -20.21 17.73
N ILE E 126 -10.41 -19.00 17.89
CA ILE E 126 -9.39 -18.84 18.88
C ILE E 126 -9.81 -18.96 20.32
N ASP E 127 -10.93 -18.38 20.69
CA ASP E 127 -11.32 -18.51 22.06
C ASP E 127 -11.64 -19.90 22.37
N GLN E 128 -12.42 -20.48 21.48
CA GLN E 128 -12.96 -21.79 21.72
C GLN E 128 -12.43 -23.02 21.05
N LEU E 129 -11.38 -22.94 20.24
CA LEU E 129 -10.82 -24.12 19.58
C LEU E 129 -11.81 -24.93 18.81
N ASN E 130 -12.73 -24.31 18.11
CA ASN E 130 -13.69 -25.08 17.39
C ASN E 130 -13.33 -24.66 16.03
N PRO E 131 -12.87 -25.60 15.26
CA PRO E 131 -12.41 -25.35 13.91
C PRO E 131 -13.49 -24.77 13.09
N ALA E 132 -13.16 -23.79 12.31
CA ALA E 132 -14.14 -23.21 11.46
C ALA E 132 -14.39 -24.28 10.47
#